data_5YII
#
_entry.id   5YII
#
_cell.length_a   72.256
_cell.length_b   103.044
_cell.length_c   80.830
_cell.angle_alpha   90.000
_cell.angle_beta   90.000
_cell.angle_gamma   90.000
#
_symmetry.space_group_name_H-M   'C 2 2 21'
#
loop_
_entity.id
_entity.type
_entity.pdbx_description
1 polymer 'Phosphoserine aminotransferase'
2 non-polymer 'THIOCYANATE ION'
3 water water
#
_entity_poly.entity_id   1
_entity_poly.type   'polypeptide(L)'
_entity_poly.pdbx_seq_one_letter_code
;EWINVMNETKALMKEVMDIPEGYEILFFGGGASLQFLMVAMNLLNKKACYLDTGVWASKAIKEAENIGEVKIIGTSKDKN
YTYIPEYQIPSDYDYFHITTNNTIYGTEIRKDIESPIPLVADMSSDILSKPIDISKYSLIYAGAQKNCGAAGVTIVIIKK
EILGKVQRKIPIILDYQVHILNNSMYNTPPVISIFTVNQTLKYIKKIGGLKKIQELNEEKARLLYAEIDRNKIFRGTVRK
KDRSIMNVCFVMEEQYKQLENEFSEYALQKGIIGIKGHRSVGGFRASIYNAVTIESVQALIKCMHDFEQLHTH
;
_entity_poly.pdbx_strand_id   A
#
loop_
_chem_comp.id
_chem_comp.type
_chem_comp.name
_chem_comp.formula
SCN non-polymer 'THIOCYANATE ION' 'C N S -1'
#
# COMPACT_ATOMS: atom_id res chain seq x y z
N TRP A 2 -3.96 1.68 25.54
CA TRP A 2 -4.47 0.90 26.68
C TRP A 2 -4.73 -0.55 26.32
N ILE A 3 -4.32 -1.40 27.24
CA ILE A 3 -4.44 -2.82 27.09
C ILE A 3 -5.74 -3.33 26.48
N ASN A 4 -6.88 -2.85 26.94
CA ASN A 4 -8.17 -3.28 26.37
C ASN A 4 -8.46 -2.78 24.96
N VAL A 5 -8.06 -1.59 24.60
CA VAL A 5 -8.35 -1.19 23.23
C VAL A 5 -7.41 -1.97 22.27
N MET A 6 -6.13 -2.06 22.65
CA MET A 6 -5.12 -2.79 21.89
C MET A 6 -5.51 -4.24 21.77
N ASN A 7 -5.78 -4.86 22.90
CA ASN A 7 -6.12 -6.26 22.91
C ASN A 7 -7.38 -6.56 22.09
N GLU A 8 -8.36 -5.66 22.10
CA GLU A 8 -9.58 -5.88 21.29
C GLU A 8 -9.29 -5.77 19.79
N THR A 9 -8.50 -4.75 19.46
CA THR A 9 -8.01 -4.49 18.14
C THR A 9 -7.23 -5.69 17.64
N LYS A 10 -6.36 -6.29 18.46
CA LYS A 10 -5.69 -7.54 18.08
C LYS A 10 -6.65 -8.66 17.70
N ALA A 11 -7.66 -8.92 18.51
CA ALA A 11 -8.61 -9.95 18.18
C ALA A 11 -9.48 -9.54 16.98
N LEU A 12 -9.81 -8.27 16.80
CA LEU A 12 -10.49 -7.92 15.57
C LEU A 12 -9.57 -8.14 14.36
N MET A 13 -8.30 -7.77 14.49
CA MET A 13 -7.39 -7.96 13.37
C MET A 13 -7.28 -9.43 13.03
N LYS A 14 -7.12 -10.27 14.04
CA LYS A 14 -6.97 -11.70 13.77
C LYS A 14 -8.14 -12.23 13.01
N GLU A 15 -9.31 -11.76 13.37
CA GLU A 15 -10.51 -12.26 12.78
C GLU A 15 -10.72 -11.70 11.40
N VAL A 16 -10.57 -10.40 11.27
CA VAL A 16 -10.83 -9.78 9.99
C VAL A 16 -9.81 -10.20 8.95
N MET A 17 -8.55 -10.29 9.36
CA MET A 17 -7.47 -10.60 8.41
C MET A 17 -7.11 -12.10 8.33
N ASP A 18 -7.73 -12.93 9.15
CA ASP A 18 -7.35 -14.35 9.23
C ASP A 18 -5.90 -14.60 9.53
N ILE A 19 -5.52 -14.09 10.66
CA ILE A 19 -4.16 -14.20 11.09
C ILE A 19 -4.04 -15.43 11.99
N PRO A 20 -3.19 -16.37 11.59
CA PRO A 20 -3.10 -17.67 12.31
C PRO A 20 -2.07 -17.59 13.39
N GLU A 21 -1.87 -18.68 14.12
CA GLU A 21 -0.82 -18.68 15.13
C GLU A 21 0.55 -18.50 14.56
N GLY A 22 1.48 -17.97 15.36
CA GLY A 22 2.89 -17.81 14.94
C GLY A 22 3.24 -16.40 14.54
N TYR A 23 2.18 -15.61 14.43
CA TYR A 23 2.28 -14.18 14.15
C TYR A 23 1.91 -13.33 15.36
N GLU A 24 2.71 -12.30 15.56
CA GLU A 24 2.54 -11.33 16.58
C GLU A 24 2.06 -10.02 15.90
N ILE A 25 1.20 -9.30 16.58
CA ILE A 25 0.75 -8.00 16.08
C ILE A 25 1.31 -6.94 16.97
N LEU A 26 2.00 -5.95 16.39
CA LEU A 26 2.59 -4.86 17.08
C LEU A 26 2.06 -3.52 16.56
N PHE A 27 1.96 -2.57 17.49
CA PHE A 27 1.57 -1.21 17.16
C PHE A 27 2.67 -0.25 17.51
N PHE A 28 3.11 0.56 16.57
CA PHE A 28 4.19 1.48 16.84
C PHE A 28 3.81 2.92 16.53
N GLY A 29 4.47 3.83 17.25
CA GLY A 29 4.59 5.20 16.84
C GLY A 29 5.58 5.29 15.70
N GLY A 30 5.81 6.47 15.12
CA GLY A 30 6.95 6.59 14.16
C GLY A 30 6.76 6.43 12.66
N GLY A 31 5.57 6.05 12.23
CA GLY A 31 5.27 5.92 10.82
C GLY A 31 5.97 4.77 10.14
N ALA A 32 5.68 4.59 8.87
CA ALA A 32 6.40 3.64 8.01
C ALA A 32 7.88 3.87 8.04
N SER A 33 8.34 5.13 8.17
CA SER A 33 9.78 5.37 8.08
C SER A 33 10.51 4.64 9.20
N LEU A 34 9.92 4.54 10.41
CA LEU A 34 10.63 3.79 11.48
C LEU A 34 10.71 2.29 11.10
N GLN A 35 9.68 1.78 10.43
CA GLN A 35 9.75 0.36 10.00
C GLN A 35 10.80 0.09 8.96
N PHE A 36 11.04 1.09 8.08
CA PHE A 36 12.08 0.99 7.07
C PHE A 36 13.40 0.66 7.80
N LEU A 37 13.66 1.35 8.87
CA LEU A 37 14.83 1.11 9.73
C LEU A 37 14.74 -0.22 10.49
N MET A 38 13.65 -0.43 11.20
CA MET A 38 13.50 -1.65 12.06
C MET A 38 13.53 -2.91 11.23
N VAL A 39 12.96 -2.87 10.04
CA VAL A 39 13.01 -4.10 9.21
C VAL A 39 14.46 -4.50 8.94
N ALA A 40 15.28 -3.56 8.51
CA ALA A 40 16.69 -3.87 8.17
C ALA A 40 17.45 -4.17 9.45
N MET A 41 17.23 -3.38 10.49
CA MET A 41 17.98 -3.56 11.77
C MET A 41 17.74 -4.98 12.26
N ASN A 42 16.51 -5.45 12.15
CA ASN A 42 16.16 -6.73 12.72
C ASN A 42 16.40 -7.95 11.82
N LEU A 43 16.37 -7.74 10.52
CA LEU A 43 16.42 -8.89 9.57
C LEU A 43 17.62 -8.92 8.64
N LEU A 44 18.30 -7.82 8.41
CA LEU A 44 19.41 -7.75 7.45
C LEU A 44 20.72 -8.12 8.22
N ASN A 45 21.12 -9.36 8.06
CA ASN A 45 22.34 -9.85 8.70
C ASN A 45 23.54 -9.69 7.77
N LYS A 46 23.45 -10.32 6.58
CA LYS A 46 24.48 -10.15 5.54
C LYS A 46 23.98 -9.34 4.41
N LYS A 47 22.78 -9.66 3.90
CA LYS A 47 22.26 -8.89 2.75
C LYS A 47 20.76 -9.10 2.55
N ALA A 48 20.11 -8.11 1.97
CA ALA A 48 18.69 -8.23 1.64
C ALA A 48 18.42 -7.80 0.19
N CYS A 49 17.26 -8.14 -0.31
CA CYS A 49 16.86 -7.66 -1.60
C CYS A 49 15.48 -7.01 -1.58
N TYR A 50 15.34 -5.99 -2.43
CA TYR A 50 14.21 -5.07 -2.48
C TYR A 50 13.76 -4.87 -3.90
N LEU A 51 12.50 -4.55 -4.05
CA LEU A 51 11.93 -4.29 -5.37
C LEU A 51 11.51 -2.84 -5.38
N ASP A 52 12.00 -2.07 -6.37
CA ASP A 52 11.85 -0.64 -6.38
C ASP A 52 10.73 -0.24 -7.32
N THR A 53 9.58 0.11 -6.78
CA THR A 53 8.36 0.29 -7.57
C THR A 53 7.75 1.70 -7.31
N GLY A 54 8.49 2.55 -6.62
CA GLY A 54 8.08 3.92 -6.35
C GLY A 54 8.79 4.68 -5.23
N VAL A 55 8.22 5.80 -4.86
CA VAL A 55 8.86 6.67 -3.84
C VAL A 55 9.12 5.96 -2.53
N TRP A 56 8.09 5.30 -2.00
CA TRP A 56 8.23 4.63 -0.71
C TRP A 56 9.07 3.42 -0.77
N ALA A 57 8.95 2.65 -1.83
CA ALA A 57 9.97 1.59 -2.09
C ALA A 57 11.44 2.08 -2.04
N SER A 58 11.69 3.22 -2.66
CA SER A 58 13.03 3.78 -2.77
C SER A 58 13.45 4.31 -1.42
N LYS A 59 12.51 4.82 -0.64
CA LYS A 59 12.87 5.24 0.71
C LYS A 59 13.24 4.04 1.62
N ALA A 60 12.48 2.94 1.52
CA ALA A 60 12.78 1.74 2.31
C ALA A 60 14.12 1.18 1.93
N ILE A 61 14.42 1.20 0.64
CA ILE A 61 15.72 0.82 0.09
C ILE A 61 16.89 1.64 0.67
N LYS A 62 16.71 2.95 0.69
CA LYS A 62 17.74 3.87 1.13
C LYS A 62 18.02 3.62 2.57
N GLU A 63 16.97 3.41 3.36
CA GLU A 63 17.19 3.18 4.75
C GLU A 63 17.92 1.89 5.01
N ALA A 64 17.53 0.84 4.31
CA ALA A 64 18.21 -0.46 4.44
C ALA A 64 19.71 -0.36 4.03
N GLU A 65 19.99 0.38 2.96
CA GLU A 65 21.38 0.64 2.49
C GLU A 65 22.28 1.22 3.58
N ASN A 66 21.74 2.03 4.47
CA ASN A 66 22.50 2.54 5.63
C ASN A 66 22.91 1.42 6.60
N ILE A 67 22.17 0.32 6.61
CA ILE A 67 22.40 -0.78 7.58
C ILE A 67 23.30 -1.84 7.01
N GLY A 68 23.20 -2.06 5.68
CA GLY A 68 23.91 -3.16 5.09
C GLY A 68 23.69 -3.32 3.59
N GLU A 69 24.18 -4.44 3.03
CA GLU A 69 24.16 -4.68 1.64
C GLU A 69 22.75 -4.88 1.16
N VAL A 70 22.37 -4.16 0.12
CA VAL A 70 21.07 -4.29 -0.53
C VAL A 70 21.21 -4.49 -2.04
N LYS A 71 20.52 -5.51 -2.54
CA LYS A 71 20.36 -5.71 -3.97
C LYS A 71 18.97 -5.29 -4.43
N ILE A 72 18.88 -4.35 -5.37
CA ILE A 72 17.60 -3.98 -5.94
C ILE A 72 17.38 -4.88 -7.12
N ILE A 73 16.49 -5.87 -7.03
CA ILE A 73 16.36 -6.84 -8.04
C ILE A 73 15.45 -6.52 -9.17
N GLY A 74 14.80 -5.34 -9.09
CA GLY A 74 14.14 -4.77 -10.25
C GLY A 74 13.81 -3.36 -9.86
N THR A 75 13.79 -2.49 -10.85
CA THR A 75 13.26 -1.11 -10.71
C THR A 75 12.52 -0.77 -11.99
N SER A 76 11.41 -0.05 -11.88
CA SER A 76 10.66 0.44 -13.06
C SER A 76 10.79 1.95 -13.20
N LYS A 77 11.86 2.48 -12.59
CA LYS A 77 12.13 3.91 -12.55
C LYS A 77 12.35 4.48 -13.96
N ASP A 78 12.75 3.62 -14.90
CA ASP A 78 13.09 4.00 -16.27
C ASP A 78 11.90 4.59 -16.98
N LYS A 79 10.72 4.03 -16.69
CA LYS A 79 9.53 4.51 -17.28
C LYS A 79 8.68 5.15 -16.21
N ASN A 80 9.29 5.99 -15.36
CA ASN A 80 8.53 6.65 -14.29
C ASN A 80 7.53 5.74 -13.53
N TYR A 81 7.99 4.53 -13.19
CA TYR A 81 7.24 3.64 -12.27
C TYR A 81 5.85 3.21 -12.73
N THR A 82 5.65 3.10 -14.06
CA THR A 82 4.36 2.69 -14.65
C THR A 82 4.17 1.18 -14.81
N TYR A 83 5.11 0.39 -14.33
CA TYR A 83 4.91 -1.01 -14.34
C TYR A 83 5.59 -1.64 -13.11
N ILE A 84 5.32 -2.88 -12.81
CA ILE A 84 6.09 -3.61 -11.76
C ILE A 84 7.15 -4.44 -12.47
N PRO A 85 8.43 -4.31 -12.10
CA PRO A 85 9.46 -5.07 -12.83
C PRO A 85 9.32 -6.58 -12.67
N GLU A 86 9.80 -7.31 -13.68
CA GLU A 86 10.11 -8.73 -13.61
C GLU A 86 11.28 -8.88 -12.67
N TYR A 87 11.30 -9.98 -11.92
CA TYR A 87 12.36 -10.19 -10.98
C TYR A 87 12.43 -11.67 -10.73
N GLN A 88 13.59 -12.10 -10.25
CA GLN A 88 13.74 -13.44 -9.71
C GLN A 88 14.33 -13.28 -8.31
N ILE A 89 13.64 -13.82 -7.33
CA ILE A 89 14.08 -13.68 -5.96
C ILE A 89 15.27 -14.59 -5.78
N PRO A 90 16.41 -14.02 -5.45
CA PRO A 90 17.58 -14.90 -5.19
C PRO A 90 17.45 -15.67 -3.83
N SER A 91 17.84 -16.93 -3.79
CA SER A 91 17.62 -17.75 -2.60
C SER A 91 18.64 -17.51 -1.51
N ASP A 92 19.66 -16.68 -1.73
CA ASP A 92 20.68 -16.53 -0.74
C ASP A 92 20.64 -15.22 0.03
N TYR A 93 19.52 -14.51 -0.05
CA TYR A 93 19.37 -13.27 0.67
C TYR A 93 18.51 -13.45 1.90
N ASP A 94 18.64 -12.52 2.83
CA ASP A 94 18.03 -12.69 4.16
C ASP A 94 16.52 -12.47 4.12
N TYR A 95 16.07 -11.60 3.22
CA TYR A 95 14.63 -11.33 3.02
C TYR A 95 14.47 -10.61 1.70
N PHE A 96 13.23 -10.55 1.23
CA PHE A 96 12.82 -9.84 0.04
C PHE A 96 11.76 -8.88 0.50
N HIS A 97 11.90 -7.59 0.17
CA HIS A 97 10.98 -6.49 0.58
C HIS A 97 10.33 -5.95 -0.66
N ILE A 98 9.00 -5.92 -0.61
CA ILE A 98 8.18 -5.33 -1.61
C ILE A 98 7.28 -4.24 -0.99
N THR A 99 6.76 -3.39 -1.85
CA THR A 99 5.81 -2.37 -1.50
C THR A 99 4.62 -2.62 -2.41
N THR A 100 3.47 -2.95 -1.87
CA THR A 100 2.48 -3.63 -2.70
C THR A 100 1.57 -2.68 -3.46
N ASN A 101 1.53 -1.44 -3.02
CA ASN A 101 0.72 -0.45 -3.72
C ASN A 101 1.53 0.81 -3.72
N ASN A 102 1.68 1.37 -4.93
CA ASN A 102 2.54 2.53 -5.11
C ASN A 102 1.61 3.64 -5.46
N THR A 103 1.19 4.40 -4.47
CA THR A 103 -0.07 5.21 -4.55
C THR A 103 -0.11 6.19 -5.70
N ILE A 104 0.95 6.98 -5.84
CA ILE A 104 0.87 8.07 -6.81
C ILE A 104 1.07 7.62 -8.27
N TYR A 105 1.55 6.38 -8.44
CA TYR A 105 1.81 5.81 -9.80
C TYR A 105 0.73 4.88 -10.29
N GLY A 106 -0.21 4.53 -9.42
CA GLY A 106 -1.33 3.70 -9.76
C GLY A 106 -0.98 2.26 -10.10
N THR A 107 0.15 1.77 -9.55
CA THR A 107 0.51 0.33 -9.71
C THR A 107 0.32 -0.51 -8.42
N GLU A 108 0.13 -1.80 -8.58
CA GLU A 108 -0.07 -2.65 -7.40
C GLU A 108 0.45 -4.05 -7.65
N ILE A 109 0.98 -4.70 -6.64
CA ILE A 109 1.18 -6.16 -6.71
C ILE A 109 -0.07 -6.74 -6.08
N ARG A 110 -0.99 -7.31 -6.88
CA ARG A 110 -2.29 -7.73 -6.27
C ARG A 110 -2.33 -9.15 -5.59
N LYS A 111 -1.40 -10.04 -5.96
CA LYS A 111 -1.42 -11.42 -5.43
C LYS A 111 -0.39 -11.55 -4.33
N ASP A 112 -0.60 -12.53 -3.47
CA ASP A 112 0.38 -12.85 -2.47
C ASP A 112 1.40 -13.74 -3.20
N ILE A 113 2.64 -13.27 -3.35
CA ILE A 113 3.61 -13.97 -4.21
C ILE A 113 4.28 -15.06 -3.41
N GLU A 114 4.94 -16.00 -4.08
CA GLU A 114 5.73 -17.03 -3.40
C GLU A 114 7.12 -16.50 -3.26
N SER A 115 7.86 -16.98 -2.28
CA SER A 115 9.22 -16.53 -2.14
C SER A 115 10.02 -17.57 -1.40
N PRO A 116 11.26 -17.83 -1.88
CA PRO A 116 12.23 -18.76 -1.28
C PRO A 116 12.86 -18.23 0.01
N ILE A 117 12.65 -16.95 0.28
CA ILE A 117 13.19 -16.31 1.48
C ILE A 117 12.07 -15.49 2.15
N PRO A 118 12.27 -15.09 3.43
CA PRO A 118 11.27 -14.38 4.20
C PRO A 118 10.74 -13.16 3.40
N LEU A 119 9.43 -13.04 3.28
CA LEU A 119 8.82 -11.95 2.52
C LEU A 119 8.35 -10.83 3.38
N VAL A 120 8.85 -9.61 3.14
CA VAL A 120 8.44 -8.41 3.91
C VAL A 120 7.71 -7.52 3.00
N ALA A 121 6.56 -7.03 3.46
CA ALA A 121 5.75 -6.19 2.61
C ALA A 121 5.30 -4.93 3.33
N ASP A 122 5.51 -3.82 2.67
CA ASP A 122 4.96 -2.55 3.10
C ASP A 122 3.58 -2.50 2.48
N MET A 123 2.53 -2.60 3.29
CA MET A 123 1.15 -2.48 2.78
C MET A 123 0.49 -1.23 3.37
N SER A 124 1.24 -0.13 3.44
CA SER A 124 0.74 1.06 4.11
C SER A 124 -0.56 1.60 3.51
N SER A 125 -0.67 1.61 2.21
CA SER A 125 -1.90 2.12 1.60
C SER A 125 -2.99 1.10 1.51
N ASP A 126 -2.62 -0.17 1.41
CA ASP A 126 -3.56 -1.18 1.03
C ASP A 126 -3.86 -2.26 2.07
N ILE A 127 -3.38 -2.14 3.30
CA ILE A 127 -3.46 -3.29 4.25
C ILE A 127 -4.83 -3.87 4.50
N LEU A 128 -5.84 -3.06 4.64
CA LEU A 128 -7.17 -3.62 4.88
C LEU A 128 -8.09 -3.47 3.65
N SER A 129 -7.56 -3.78 2.47
CA SER A 129 -8.32 -3.60 1.24
C SER A 129 -8.69 -4.90 0.60
N LYS A 130 -8.10 -5.98 1.08
CA LYS A 130 -8.39 -7.28 0.54
C LYS A 130 -7.96 -8.37 1.46
N PRO A 131 -8.47 -9.58 1.22
CA PRO A 131 -7.97 -10.66 2.05
C PRO A 131 -6.54 -10.89 1.68
N ILE A 132 -5.77 -11.30 2.67
CA ILE A 132 -4.38 -11.66 2.49
C ILE A 132 -4.16 -13.05 3.02
N ASP A 133 -3.29 -13.82 2.37
CA ASP A 133 -2.89 -15.09 2.94
C ASP A 133 -1.62 -14.76 3.73
N ILE A 134 -1.83 -14.56 5.01
CA ILE A 134 -0.90 -14.01 5.93
C ILE A 134 0.25 -15.01 6.02
N SER A 135 -0.06 -16.32 5.90
CA SER A 135 1.01 -17.35 5.86
C SER A 135 2.14 -17.14 4.86
N LYS A 136 1.89 -16.51 3.72
CA LYS A 136 2.94 -16.25 2.72
C LYS A 136 4.00 -15.21 3.13
N TYR A 137 3.67 -14.43 4.17
CA TYR A 137 4.45 -13.29 4.62
C TYR A 137 5.21 -13.55 5.87
N SER A 138 6.39 -12.99 5.97
CA SER A 138 7.08 -13.01 7.23
C SER A 138 6.86 -11.76 8.04
N LEU A 139 6.67 -10.64 7.37
CA LEU A 139 6.46 -9.38 8.10
C LEU A 139 5.66 -8.47 7.18
N ILE A 140 4.55 -7.96 7.68
CA ILE A 140 3.70 -6.98 6.98
C ILE A 140 3.64 -5.77 7.84
N TYR A 141 3.88 -4.59 7.27
CA TYR A 141 3.68 -3.39 8.00
C TYR A 141 2.93 -2.37 7.24
N ALA A 142 2.33 -1.45 7.99
CA ALA A 142 1.49 -0.41 7.43
C ALA A 142 1.43 0.84 8.33
N GLY A 143 1.89 1.95 7.79
CA GLY A 143 1.88 3.27 8.42
C GLY A 143 2.06 4.23 7.24
N ALA A 144 2.82 5.30 7.31
CA ALA A 144 2.84 6.29 8.37
C ALA A 144 1.69 7.18 8.08
N GLN A 145 1.47 7.36 6.78
CA GLN A 145 0.82 8.51 6.19
C GLN A 145 -0.04 8.02 5.02
N LYS A 146 -1.11 7.30 5.31
CA LYS A 146 -2.09 7.02 4.26
C LYS A 146 -3.55 7.22 4.68
N ASN A 147 -4.17 8.29 4.19
CA ASN A 147 -3.45 9.41 3.54
C ASN A 147 -3.78 10.72 4.22
N CYS A 148 -2.79 11.45 4.71
CA CYS A 148 -3.10 12.76 5.25
C CYS A 148 -4.10 12.61 6.44
N GLY A 149 -3.64 12.06 7.56
CA GLY A 149 -4.48 11.94 8.79
C GLY A 149 -3.81 12.17 10.14
N ALA A 150 -4.07 11.26 11.11
CA ALA A 150 -3.55 11.30 12.52
C ALA A 150 -2.05 11.04 12.70
N ALA A 151 -1.51 11.35 13.90
CA ALA A 151 -0.10 11.07 14.27
C ALA A 151 0.09 9.59 13.99
N GLY A 152 -0.89 8.86 14.48
CA GLY A 152 -1.24 7.58 13.94
C GLY A 152 -0.33 6.46 14.38
N VAL A 153 -0.84 5.27 14.11
CA VAL A 153 -0.17 4.09 14.51
C VAL A 153 0.26 3.34 13.26
N THR A 154 1.36 2.62 13.39
CA THR A 154 1.83 1.78 12.37
C THR A 154 1.62 0.36 12.88
N ILE A 155 1.06 -0.48 12.03
CA ILE A 155 0.76 -1.85 12.38
C ILE A 155 1.91 -2.70 11.90
N VAL A 156 2.32 -3.69 12.69
CA VAL A 156 3.33 -4.66 12.22
C VAL A 156 2.74 -6.03 12.53
N ILE A 157 2.72 -6.91 11.51
CA ILE A 157 2.32 -8.32 11.70
C ILE A 157 3.58 -9.12 11.38
N ILE A 158 4.08 -9.86 12.35
CA ILE A 158 5.42 -10.46 12.21
C ILE A 158 5.42 -11.95 12.62
N LYS A 159 6.06 -12.75 11.76
CA LYS A 159 6.17 -14.21 11.99
C LYS A 159 7.35 -14.33 12.88
N LYS A 160 7.11 -14.53 14.14
CA LYS A 160 8.09 -14.40 15.17
C LYS A 160 9.32 -15.26 14.92
N GLU A 161 9.16 -16.43 14.30
CA GLU A 161 10.32 -17.35 14.12
C GLU A 161 11.47 -16.81 13.24
N ILE A 162 11.24 -15.73 12.49
CA ILE A 162 12.24 -15.15 11.64
C ILE A 162 13.26 -14.38 12.42
N LEU A 163 12.98 -14.07 13.67
CA LEU A 163 13.89 -13.16 14.36
C LEU A 163 15.05 -13.92 15.00
N GLY A 164 16.12 -13.19 15.25
CA GLY A 164 17.23 -13.71 16.00
C GLY A 164 18.46 -14.00 15.19
N LYS A 165 18.38 -13.79 13.87
CA LYS A 165 19.50 -14.11 12.98
C LYS A 165 20.61 -13.02 12.83
N VAL A 166 20.35 -11.78 13.24
CA VAL A 166 21.27 -10.70 13.01
C VAL A 166 22.38 -10.71 14.07
N GLN A 167 23.64 -10.58 13.67
CA GLN A 167 24.77 -10.57 14.61
C GLN A 167 25.02 -9.20 15.22
N ARG A 168 24.67 -8.16 14.48
CA ARG A 168 24.79 -6.77 14.93
C ARG A 168 24.10 -6.60 16.25
N LYS A 169 24.60 -5.73 17.13
CA LYS A 169 23.90 -5.42 18.34
C LYS A 169 22.72 -4.44 18.03
N ILE A 170 21.51 -4.88 18.25
CA ILE A 170 20.33 -4.04 18.03
C ILE A 170 19.94 -3.26 19.29
N PRO A 171 19.93 -1.94 19.15
CA PRO A 171 19.46 -1.17 20.28
C PRO A 171 18.10 -1.67 20.69
N ILE A 172 17.87 -1.74 22.00
CA ILE A 172 16.66 -2.28 22.57
C ILE A 172 15.38 -1.68 22.00
N ILE A 173 15.36 -0.38 21.77
CA ILE A 173 14.13 0.31 21.37
C ILE A 173 13.77 -0.04 19.96
N LEU A 174 14.78 -0.49 19.21
CA LEU A 174 14.59 -0.93 17.82
C LEU A 174 14.47 -2.45 17.63
N ASP A 175 14.43 -3.22 18.69
CA ASP A 175 14.46 -4.68 18.59
C ASP A 175 13.05 -5.23 18.69
N TYR A 176 12.52 -5.80 17.58
CA TYR A 176 11.22 -6.40 17.61
C TYR A 176 10.97 -7.38 18.73
N GLN A 177 11.94 -8.23 19.05
CA GLN A 177 11.79 -9.14 20.19
C GLN A 177 11.36 -8.46 21.50
N VAL A 178 11.97 -7.31 21.78
CA VAL A 178 11.63 -6.60 22.96
C VAL A 178 10.20 -6.11 22.94
N HIS A 179 9.73 -5.64 21.80
CA HIS A 179 8.37 -5.19 21.71
C HIS A 179 7.36 -6.34 21.79
N ILE A 180 7.77 -7.50 21.30
CA ILE A 180 6.93 -8.64 21.34
C ILE A 180 6.87 -9.03 22.83
N LEU A 181 8.06 -9.16 23.41
CA LEU A 181 8.18 -9.61 24.82
C LEU A 181 7.29 -8.74 25.70
N ASN A 182 7.28 -7.42 25.47
CA ASN A 182 6.49 -6.50 26.26
C ASN A 182 5.08 -6.16 25.67
N ASN A 183 4.49 -7.08 24.94
CA ASN A 183 3.14 -6.88 24.37
C ASN A 183 2.87 -5.57 23.73
N SER A 184 3.84 -5.07 22.98
CA SER A 184 3.60 -3.86 22.24
C SER A 184 3.26 -2.74 23.21
N MET A 185 3.81 -2.79 24.42
CA MET A 185 3.55 -1.77 25.43
C MET A 185 4.80 -1.05 25.85
N TYR A 186 5.92 -1.37 25.20
CA TYR A 186 7.20 -0.79 25.59
C TYR A 186 7.28 0.70 25.37
N ASN A 187 6.94 1.16 24.16
CA ASN A 187 6.99 2.58 23.84
C ASN A 187 5.74 2.92 23.02
N THR A 188 4.61 3.03 23.71
CA THR A 188 3.32 3.06 23.03
C THR A 188 3.07 4.33 22.26
N PRO A 189 2.27 4.22 21.18
CA PRO A 189 1.69 5.34 20.49
C PRO A 189 0.47 5.86 21.25
N PRO A 190 -0.05 7.05 20.87
CA PRO A 190 -1.22 7.53 21.59
C PRO A 190 -2.36 6.53 21.46
N VAL A 191 -3.05 6.27 22.56
CA VAL A 191 -4.22 5.44 22.48
C VAL A 191 -5.22 5.96 21.42
N ILE A 192 -5.27 7.27 21.21
CA ILE A 192 -6.21 7.81 20.23
C ILE A 192 -5.73 7.43 18.85
N SER A 193 -4.39 7.37 18.73
CA SER A 193 -3.69 7.06 17.51
C SER A 193 -4.15 5.73 16.98
N ILE A 194 -4.56 4.80 17.84
CA ILE A 194 -5.08 3.55 17.33
C ILE A 194 -6.55 3.55 17.25
N PHE A 195 -7.17 4.20 18.25
CA PHE A 195 -8.48 3.80 18.85
C PHE A 195 -9.41 3.63 17.70
N THR A 196 -9.06 4.43 16.70
CA THR A 196 -9.58 4.38 15.38
C THR A 196 -9.56 3.01 14.73
N VAL A 197 -8.38 2.35 14.72
CA VAL A 197 -8.25 1.08 14.00
C VAL A 197 -9.29 0.12 14.49
N ASN A 198 -9.61 0.20 15.78
CA ASN A 198 -10.57 -0.66 16.37
C ASN A 198 -11.88 -0.40 15.66
N GLN A 199 -12.18 0.88 15.47
CA GLN A 199 -13.45 1.28 14.87
C GLN A 199 -13.53 0.88 13.43
N THR A 200 -12.46 1.18 12.71
CA THR A 200 -12.25 0.84 11.31
C THR A 200 -12.40 -0.69 10.96
N LEU A 201 -11.78 -1.50 11.81
CA LEU A 201 -11.96 -2.96 11.76
C LEU A 201 -13.41 -3.35 12.04
N LYS A 202 -14.01 -2.70 13.04
CA LYS A 202 -15.43 -2.94 13.38
C LYS A 202 -16.37 -2.64 12.21
N TYR A 203 -16.03 -1.63 11.46
CA TYR A 203 -16.75 -1.23 10.28
C TYR A 203 -16.56 -2.22 9.13
N ILE A 204 -15.33 -2.65 8.94
CA ILE A 204 -15.05 -3.61 7.87
C ILE A 204 -15.86 -4.88 8.12
N LYS A 205 -15.87 -5.30 9.37
CA LYS A 205 -16.59 -6.50 9.80
C LYS A 205 -18.08 -6.27 9.60
N LYS A 206 -18.56 -5.12 10.03
CA LYS A 206 -19.96 -4.80 9.87
C LYS A 206 -20.44 -4.89 8.43
N ILE A 207 -19.67 -4.34 7.50
CA ILE A 207 -20.08 -4.20 6.08
C ILE A 207 -19.90 -5.50 5.32
N GLY A 208 -19.21 -6.46 5.90
CA GLY A 208 -19.15 -7.75 5.31
C GLY A 208 -17.75 -8.27 5.06
N GLY A 209 -16.71 -7.59 5.52
CA GLY A 209 -15.36 -8.18 5.42
C GLY A 209 -14.49 -7.81 4.25
N LEU A 210 -13.23 -8.17 4.37
CA LEU A 210 -12.22 -7.87 3.33
C LEU A 210 -12.54 -8.36 1.90
N LYS A 211 -13.13 -9.53 1.77
CA LYS A 211 -13.53 -10.06 0.49
C LYS A 211 -14.56 -9.20 -0.19
N LYS A 212 -15.58 -8.86 0.56
CA LYS A 212 -16.57 -7.90 0.13
C LYS A 212 -15.94 -6.60 -0.32
N ILE A 213 -15.11 -6.03 0.54
CA ILE A 213 -14.46 -4.77 0.20
C ILE A 213 -13.64 -4.86 -1.09
N GLN A 214 -12.91 -5.94 -1.28
CA GLN A 214 -12.12 -6.06 -2.50
C GLN A 214 -13.06 -6.16 -3.71
N GLU A 215 -14.12 -6.93 -3.56
CA GLU A 215 -15.04 -7.18 -4.68
C GLU A 215 -15.63 -5.84 -5.08
N LEU A 216 -15.96 -5.00 -4.10
CA LEU A 216 -16.38 -3.61 -4.40
C LEU A 216 -15.36 -2.69 -5.07
N ASN A 217 -14.10 -2.71 -4.60
CA ASN A 217 -13.03 -1.98 -5.24
C ASN A 217 -12.75 -2.50 -6.66
N GLU A 218 -12.79 -3.81 -6.82
CA GLU A 218 -12.56 -4.38 -8.15
C GLU A 218 -13.61 -3.89 -9.11
N GLU A 219 -14.84 -3.89 -8.66
CA GLU A 219 -15.93 -3.40 -9.51
C GLU A 219 -15.76 -1.93 -9.89
N LYS A 220 -15.48 -1.07 -8.91
CA LYS A 220 -15.18 0.29 -9.22
C LYS A 220 -13.99 0.50 -10.20
N ALA A 221 -12.87 -0.16 -9.93
CA ALA A 221 -11.72 -0.02 -10.78
C ALA A 221 -12.07 -0.49 -12.22
N ARG A 222 -12.78 -1.61 -12.29
CA ARG A 222 -13.07 -2.21 -13.58
C ARG A 222 -13.95 -1.29 -14.44
N LEU A 223 -14.90 -0.61 -13.81
CA LEU A 223 -15.79 0.36 -14.54
C LEU A 223 -14.97 1.54 -14.96
N LEU A 224 -14.10 2.05 -14.07
CA LEU A 224 -13.31 3.20 -14.50
C LEU A 224 -12.24 2.87 -15.58
N TYR A 225 -11.51 1.77 -15.46
CA TYR A 225 -10.48 1.48 -16.44
C TYR A 225 -11.17 1.19 -17.82
N ALA A 226 -12.36 0.58 -17.79
CA ALA A 226 -13.13 0.34 -19.04
C ALA A 226 -13.46 1.64 -19.77
N GLU A 227 -13.81 2.65 -19.00
CA GLU A 227 -14.07 3.94 -19.60
C GLU A 227 -12.80 4.53 -20.11
N ILE A 228 -11.69 4.46 -19.33
CA ILE A 228 -10.44 5.05 -19.72
C ILE A 228 -9.97 4.33 -21.04
N ASP A 229 -10.24 3.03 -21.13
CA ASP A 229 -9.86 2.20 -22.27
C ASP A 229 -10.78 2.52 -23.49
N ARG A 230 -12.10 2.63 -23.31
CA ARG A 230 -13.00 2.94 -24.45
C ARG A 230 -12.87 4.40 -24.92
N ASN A 231 -12.48 5.30 -24.02
CA ASN A 231 -12.63 6.72 -24.21
C ASN A 231 -11.47 7.35 -24.94
N LYS A 232 -11.73 7.92 -26.11
CA LYS A 232 -10.58 8.40 -26.93
C LYS A 232 -9.82 9.59 -26.39
N ILE A 233 -10.39 10.28 -25.42
CA ILE A 233 -9.69 11.43 -24.87
C ILE A 233 -8.61 11.05 -23.84
N PHE A 234 -8.78 9.89 -23.21
CA PHE A 234 -7.85 9.51 -22.12
C PHE A 234 -7.06 8.22 -22.38
N ARG A 235 -5.97 8.10 -21.62
CA ARG A 235 -5.13 6.88 -21.65
C ARG A 235 -4.73 6.49 -20.23
N GLY A 236 -4.88 5.22 -19.87
CA GLY A 236 -4.24 4.73 -18.63
C GLY A 236 -2.73 4.72 -18.71
N THR A 237 -2.03 5.10 -17.66
CA THR A 237 -0.61 5.21 -17.81
C THR A 237 0.09 3.89 -17.45
N VAL A 238 -0.58 3.04 -16.68
CA VAL A 238 -0.01 1.85 -16.16
C VAL A 238 -0.28 0.63 -17.02
N ARG A 239 0.72 -0.24 -17.08
CA ARG A 239 0.65 -1.48 -17.81
C ARG A 239 -0.47 -2.25 -17.25
N LYS A 240 -1.26 -2.83 -18.14
CA LYS A 240 -2.46 -3.50 -17.73
C LYS A 240 -2.33 -4.43 -16.54
N LYS A 241 -1.35 -5.30 -16.55
CA LYS A 241 -1.35 -6.34 -15.55
C LYS A 241 -1.01 -5.77 -14.19
N ASP A 242 -0.46 -4.57 -14.17
CA ASP A 242 -0.04 -3.91 -12.94
C ASP A 242 -0.97 -2.88 -12.39
N ARG A 243 -2.13 -2.76 -12.98
CA ARG A 243 -3.09 -1.73 -12.60
C ARG A 243 -3.53 -1.84 -11.15
N SER A 244 -3.40 -0.75 -10.42
CA SER A 244 -3.96 -0.69 -9.06
C SER A 244 -5.48 -0.59 -9.09
N ILE A 245 -6.12 -1.24 -8.15
CA ILE A 245 -7.56 -1.11 -8.02
C ILE A 245 -7.86 -0.04 -6.96
N MET A 246 -6.84 0.50 -6.31
CA MET A 246 -7.13 1.55 -5.35
C MET A 246 -6.84 2.95 -5.85
N ASN A 247 -5.77 3.13 -6.66
CA ASN A 247 -5.38 4.38 -7.28
C ASN A 247 -5.31 4.22 -8.83
N VAL A 248 -6.19 4.98 -9.51
CA VAL A 248 -6.37 4.78 -10.96
C VAL A 248 -5.82 6.01 -11.67
N CYS A 249 -4.63 5.87 -12.28
CA CYS A 249 -3.91 6.97 -12.93
C CYS A 249 -4.26 7.01 -14.42
N PHE A 250 -4.52 8.23 -14.89
CA PHE A 250 -4.82 8.41 -16.30
C PHE A 250 -4.38 9.77 -16.79
N VAL A 251 -4.13 9.88 -18.09
CA VAL A 251 -3.62 11.12 -18.64
C VAL A 251 -4.39 11.37 -19.92
N MET A 252 -4.22 12.56 -20.47
CA MET A 252 -4.81 12.82 -21.81
C MET A 252 -4.10 11.98 -22.92
N GLU A 253 -4.87 11.52 -23.90
CA GLU A 253 -4.27 10.93 -25.12
C GLU A 253 -3.46 12.02 -25.81
N GLU A 254 -2.54 11.55 -26.66
CA GLU A 254 -1.57 12.40 -27.35
C GLU A 254 -2.26 13.60 -28.02
N GLN A 255 -3.32 13.37 -28.81
CA GLN A 255 -3.97 14.47 -29.54
C GLN A 255 -4.57 15.53 -28.65
N TYR A 256 -4.79 15.20 -27.37
CA TYR A 256 -5.64 16.03 -26.53
C TYR A 256 -4.98 16.56 -25.29
N LYS A 257 -3.66 16.61 -25.27
CA LYS A 257 -2.94 17.09 -24.10
C LYS A 257 -3.34 18.53 -23.80
N GLN A 258 -3.66 19.27 -24.86
CA GLN A 258 -4.15 20.65 -24.76
C GLN A 258 -5.45 20.86 -23.99
N LEU A 259 -6.28 19.82 -23.86
CA LEU A 259 -7.57 19.93 -23.16
C LEU A 259 -7.48 19.59 -21.64
N GLU A 260 -6.28 19.43 -21.12
CA GLU A 260 -6.10 18.90 -19.77
C GLU A 260 -6.75 19.89 -18.78
N ASN A 261 -6.48 21.19 -18.94
CA ASN A 261 -7.05 22.17 -18.01
C ASN A 261 -8.56 22.29 -18.18
N GLU A 262 -9.03 22.17 -19.41
CA GLU A 262 -10.43 22.31 -19.66
C GLU A 262 -11.22 21.15 -19.04
N PHE A 263 -10.65 19.96 -19.00
CA PHE A 263 -11.33 18.84 -18.42
C PHE A 263 -11.38 19.03 -16.90
N SER A 264 -10.29 19.49 -16.30
CA SER A 264 -10.28 19.68 -14.86
C SER A 264 -11.41 20.63 -14.54
N GLU A 265 -11.60 21.67 -15.33
CA GLU A 265 -12.69 22.62 -15.09
C GLU A 265 -14.09 22.03 -15.38
N TYR A 266 -14.20 21.32 -16.49
CA TYR A 266 -15.45 20.63 -16.79
C TYR A 266 -15.89 19.71 -15.67
N ALA A 267 -14.93 18.97 -15.11
CA ALA A 267 -15.19 18.06 -14.00
C ALA A 267 -15.55 18.85 -12.72
N LEU A 268 -14.80 19.92 -12.45
CA LEU A 268 -15.15 20.81 -11.34
C LEU A 268 -16.62 21.20 -11.43
N GLN A 269 -17.04 21.65 -12.59
CA GLN A 269 -18.43 22.14 -12.75
C GLN A 269 -19.46 21.05 -12.62
N LYS A 270 -19.04 19.82 -12.85
CA LYS A 270 -19.92 18.70 -12.59
C LYS A 270 -19.76 18.17 -11.21
N GLY A 271 -19.06 18.91 -10.35
CA GLY A 271 -18.97 18.52 -8.98
C GLY A 271 -17.87 17.51 -8.67
N ILE A 272 -16.90 17.36 -9.56
CA ILE A 272 -15.93 16.35 -9.38
C ILE A 272 -14.59 16.98 -9.06
N ILE A 273 -14.09 16.74 -7.85
CA ILE A 273 -12.75 17.23 -7.52
C ILE A 273 -11.97 16.12 -6.83
N GLY A 274 -10.71 16.47 -6.52
CA GLY A 274 -9.76 15.56 -5.85
C GLY A 274 -9.18 14.57 -6.83
N ILE A 275 -9.12 14.86 -8.13
CA ILE A 275 -8.58 13.87 -9.11
C ILE A 275 -7.30 14.24 -9.79
N LYS A 276 -6.64 15.28 -9.27
CA LYS A 276 -5.45 15.76 -9.88
C LYS A 276 -4.37 14.76 -9.59
N GLY A 277 -3.66 14.36 -10.65
CA GLY A 277 -2.49 13.48 -10.56
C GLY A 277 -1.34 14.14 -9.82
N HIS A 278 -0.50 13.35 -9.20
CA HIS A 278 0.75 13.87 -8.68
C HIS A 278 1.54 14.68 -9.71
N ARG A 279 2.27 15.64 -9.17
CA ARG A 279 3.20 16.47 -9.94
C ARG A 279 4.04 15.64 -10.98
N SER A 280 4.44 14.44 -10.60
CA SER A 280 5.44 13.61 -11.31
C SER A 280 4.84 12.66 -12.31
N VAL A 281 3.53 12.62 -12.34
CA VAL A 281 2.81 11.89 -13.33
C VAL A 281 2.03 12.82 -14.24
N GLY A 282 1.59 13.94 -13.69
CA GLY A 282 0.54 14.72 -14.31
C GLY A 282 -0.73 13.93 -14.55
N GLY A 283 -1.58 14.45 -15.43
CA GLY A 283 -2.88 13.88 -15.66
C GLY A 283 -3.57 13.73 -14.31
N PHE A 284 -4.24 12.60 -14.15
CA PHE A 284 -5.24 12.48 -13.11
C PHE A 284 -5.07 11.22 -12.32
N ARG A 285 -5.70 11.19 -11.16
CA ARG A 285 -5.64 10.02 -10.34
C ARG A 285 -6.89 9.92 -9.51
N ALA A 286 -7.72 8.91 -9.78
CA ALA A 286 -8.94 8.70 -9.01
C ALA A 286 -8.59 7.82 -7.84
N SER A 287 -8.78 8.31 -6.62
CA SER A 287 -8.58 7.47 -5.43
C SER A 287 -9.84 6.67 -5.13
N ILE A 288 -9.84 5.39 -5.42
CA ILE A 288 -10.98 4.55 -5.07
C ILE A 288 -10.76 4.03 -3.67
N TYR A 289 -11.03 4.85 -2.66
CA TYR A 289 -11.00 4.40 -1.27
C TYR A 289 -11.90 3.21 -1.09
N ASN A 290 -11.60 2.37 -0.10
CA ASN A 290 -12.60 1.45 0.43
C ASN A 290 -13.89 2.31 0.56
N ALA A 291 -14.95 1.93 -0.13
CA ALA A 291 -16.22 2.69 -0.10
C ALA A 291 -16.13 4.25 -0.25
N VAL A 292 -15.36 4.68 -1.25
CA VAL A 292 -15.89 5.63 -2.21
C VAL A 292 -16.96 4.77 -2.84
N THR A 293 -18.08 5.37 -3.21
CA THR A 293 -19.23 4.58 -3.67
C THR A 293 -19.01 4.11 -5.11
N ILE A 294 -19.83 3.16 -5.56
CA ILE A 294 -19.82 2.81 -7.00
C ILE A 294 -20.32 4.02 -7.79
N GLU A 295 -21.16 4.82 -7.16
CA GLU A 295 -21.98 5.76 -7.87
C GLU A 295 -21.20 6.97 -8.31
N SER A 296 -20.21 7.35 -7.52
CA SER A 296 -19.38 8.53 -7.81
C SER A 296 -18.29 8.25 -8.88
N VAL A 297 -17.90 6.98 -8.96
CA VAL A 297 -17.08 6.49 -10.07
C VAL A 297 -17.91 6.58 -11.33
N GLN A 298 -19.15 6.10 -11.28
CA GLN A 298 -20.04 6.28 -12.43
C GLN A 298 -20.24 7.72 -12.81
N ALA A 299 -20.27 8.61 -11.81
CA ALA A 299 -20.36 10.01 -12.13
C ALA A 299 -19.08 10.56 -12.84
N LEU A 300 -17.92 10.10 -12.44
CA LEU A 300 -16.72 10.44 -13.13
C LEU A 300 -16.77 9.84 -14.52
N ILE A 301 -17.21 8.59 -14.64
CA ILE A 301 -17.32 7.98 -15.96
C ILE A 301 -18.23 8.80 -16.90
N LYS A 302 -19.35 9.27 -16.40
CA LYS A 302 -20.29 10.01 -17.26
C LYS A 302 -19.69 11.34 -17.68
N CYS A 303 -19.03 11.97 -16.73
CA CYS A 303 -18.34 13.19 -17.01
C CYS A 303 -17.26 13.02 -18.10
N MET A 304 -16.45 11.97 -17.97
CA MET A 304 -15.47 11.64 -19.00
C MET A 304 -16.16 11.40 -20.36
N HIS A 305 -17.25 10.65 -20.37
CA HIS A 305 -17.89 10.31 -21.61
C HIS A 305 -18.46 11.56 -22.25
N ASP A 306 -19.17 12.35 -21.48
CA ASP A 306 -19.80 13.58 -22.02
C ASP A 306 -18.77 14.52 -22.61
N PHE A 307 -17.66 14.67 -21.89
CA PHE A 307 -16.50 15.43 -22.36
C PHE A 307 -15.98 14.90 -23.75
N GLU A 308 -15.80 13.58 -23.84
CA GLU A 308 -15.45 12.93 -25.12
C GLU A 308 -16.41 13.36 -26.24
N GLN A 309 -17.71 13.26 -25.99
CA GLN A 309 -18.71 13.58 -27.04
C GLN A 309 -18.65 15.06 -27.41
N LEU A 310 -18.33 15.89 -26.45
CA LEU A 310 -18.26 17.32 -26.66
C LEU A 310 -17.08 17.68 -27.55
N HIS A 311 -16.02 16.86 -27.54
CA HIS A 311 -14.90 17.13 -28.41
C HIS A 311 -14.75 16.10 -29.52
N THR A 312 -15.84 15.42 -29.90
CA THR A 312 -15.93 14.78 -31.23
C THR A 312 -17.33 14.86 -31.82
S SCN B . 3.24 7.04 -3.45
C SCN B . 4.26 6.16 -4.19
N SCN B . 5.01 5.46 -4.75
#